data_2Q89
#
_entry.id   2Q89
#
_cell.length_a   57.135
_cell.length_b   57.135
_cell.length_c   161.576
_cell.angle_alpha   90.000
_cell.angle_beta   90.000
_cell.angle_gamma   90.000
#
_symmetry.space_group_name_H-M   'P 43 21 2'
#
loop_
_entity.id
_entity.type
_entity.pdbx_description
1 polymer 'Putative ABC transporter amino acid-binding protein'
2 non-polymer 'CADMIUM ION'
3 non-polymer '(4S,5S)-5-HYDROXY-2-METHYL-1,4,5,6-TETRAHYDROPYRIMIDINE-4-CARBOXYLIC ACID'
4 water water
#
_entity_poly.entity_id   1
_entity_poly.type   'polypeptide(L)'
_entity_poly.pdbx_seq_one_letter_code
;RDENKLEELKEQGFARIAIANEPPFTAVGADGKVSGAAPDVAREIFKRLGVADVVASISEYGAMIPGLQAGRHDAITAGL
FMKPERCAAVAYSQPILCDAEAFALKKGNPLGLKSYKDIADNPDAKIGAPGGGTEEKLALEAGVPRDRVIVVPDGQSGLK
MLQDGRIDVYSLPVLSINDLVSKANDPNVEVLAPVEGAPVYCDGAAFRKGDEALRDAFDVELAKLKESGEFAKIIEPYGF
SAKAAMSTTREKLCAAK
;
_entity_poly.pdbx_strand_id   A
#
loop_
_chem_comp.id
_chem_comp.type
_chem_comp.name
_chem_comp.formula
6CS non-polymer '(4S,5S)-5-HYDROXY-2-METHYL-1,4,5,6-TETRAHYDROPYRIMIDINE-4-CARBOXYLIC ACID' 'C6 H10 N2 O3'
CD non-polymer 'CADMIUM ION' 'Cd 2'
#
# COMPACT_ATOMS: atom_id res chain seq x y z
N ARG A 1 -19.78 18.95 -3.96
CA ARG A 1 -18.86 17.94 -3.37
C ARG A 1 -19.01 16.55 -4.01
N ASP A 2 -19.79 16.49 -5.08
CA ASP A 2 -20.07 15.25 -5.80
C ASP A 2 -19.44 15.31 -7.19
N GLU A 3 -20.23 15.73 -8.19
CA GLU A 3 -19.73 15.87 -9.56
C GLU A 3 -18.77 17.06 -9.70
N ASN A 4 -18.95 18.06 -8.85
CA ASN A 4 -18.12 19.27 -8.84
C ASN A 4 -17.01 19.25 -7.77
N LYS A 5 -16.46 18.07 -7.52
CA LYS A 5 -15.45 17.89 -6.47
C LYS A 5 -14.12 18.56 -6.83
N LEU A 6 -13.67 18.37 -8.07
CA LEU A 6 -12.40 18.93 -8.54
C LEU A 6 -12.41 20.45 -8.38
N GLU A 7 -13.49 21.08 -8.79
CA GLU A 7 -13.67 22.53 -8.72
C GLU A 7 -13.46 23.05 -7.29
N GLU A 8 -14.08 22.37 -6.32
CA GLU A 8 -13.97 22.72 -4.90
C GLU A 8 -12.57 22.53 -4.35
N LEU A 9 -11.89 21.47 -4.79
CA LEU A 9 -10.51 21.20 -4.39
C LEU A 9 -9.56 22.25 -4.94
N LYS A 10 -9.86 22.75 -6.14
CA LYS A 10 -9.09 23.81 -6.76
C LYS A 10 -9.23 25.12 -5.97
N GLU A 11 -10.47 25.48 -5.65
CA GLU A 11 -10.73 26.71 -4.89
C GLU A 11 -10.43 26.55 -3.39
N GLN A 12 -10.22 25.31 -2.96
CA GLN A 12 -9.76 25.01 -1.59
C GLN A 12 -8.24 25.10 -1.53
N GLY A 13 -7.58 24.70 -2.62
CA GLY A 13 -6.13 24.80 -2.73
C GLY A 13 -5.37 23.52 -2.45
N PHE A 14 -6.06 22.54 -1.87
CA PHE A 14 -5.45 21.27 -1.50
C PHE A 14 -6.41 20.08 -1.51
N ALA A 15 -5.85 18.88 -1.61
CA ALA A 15 -6.61 17.65 -1.47
C ALA A 15 -6.12 16.89 -0.25
N ARG A 16 -7.05 16.29 0.47
CA ARG A 16 -6.70 15.47 1.64
C ARG A 16 -6.42 14.03 1.20
N ILE A 17 -5.22 13.56 1.50
CA ILE A 17 -4.82 12.20 1.13
C ILE A 17 -4.50 11.36 2.36
N ALA A 18 -4.82 10.06 2.28
CA ALA A 18 -4.58 9.13 3.38
C ALA A 18 -3.36 8.27 3.06
N ILE A 19 -2.44 8.20 4.02
CA ILE A 19 -1.19 7.44 3.92
C ILE A 19 -0.95 6.68 5.22
N ALA A 20 -0.01 5.74 5.21
CA ALA A 20 0.31 4.95 6.41
C ALA A 20 1.76 5.09 6.90
N ASN A 21 2.61 5.78 6.12
CA ASN A 21 4.05 5.87 6.38
C ASN A 21 4.78 4.53 6.30
N GLU A 22 4.88 3.99 5.08
CA GLU A 22 5.56 2.71 4.82
C GLU A 22 6.40 2.84 3.54
N PRO A 23 7.67 3.23 3.70
CA PRO A 23 8.55 3.40 2.53
C PRO A 23 8.78 2.07 1.81
N PRO A 24 8.88 2.07 0.48
CA PRO A 24 8.87 3.28 -0.33
C PRO A 24 7.50 3.67 -0.92
N PHE A 25 6.42 3.14 -0.38
CA PHE A 25 5.07 3.49 -0.80
C PHE A 25 4.74 4.91 -0.33
N THR A 26 4.92 5.15 0.97
CA THR A 26 4.70 6.46 1.58
C THR A 26 5.83 6.73 2.57
N ALA A 27 6.14 8.01 2.77
CA ALA A 27 7.20 8.41 3.70
C ALA A 27 6.93 9.81 4.23
N VAL A 28 7.36 10.04 5.48
CA VAL A 28 7.32 11.36 6.09
C VAL A 28 8.70 11.63 6.73
N GLY A 29 9.38 12.66 6.24
CA GLY A 29 10.64 13.10 6.85
C GLY A 29 10.39 13.91 8.10
N ALA A 30 11.45 14.07 8.91
CA ALA A 30 11.41 14.90 10.13
C ALA A 30 11.01 16.34 9.82
N ASP A 31 11.31 16.76 8.60
CA ASP A 31 10.89 18.06 8.05
C ASP A 31 9.36 18.17 8.05
N GLY A 32 8.69 17.06 7.76
CA GLY A 32 7.25 17.03 7.65
C GLY A 32 6.78 16.76 6.23
N LYS A 33 7.71 16.87 5.28
CA LYS A 33 7.39 16.63 3.88
C LYS A 33 6.94 15.18 3.66
N VAL A 34 5.88 15.03 2.87
CA VAL A 34 5.36 13.72 2.54
C VAL A 34 5.93 13.32 1.19
N SER A 35 6.72 12.25 1.18
CA SER A 35 7.23 11.67 -0.06
C SER A 35 6.81 10.21 -0.15
N GLY A 36 7.55 9.43 -0.95
CA GLY A 36 7.15 8.07 -1.28
C GLY A 36 6.48 8.07 -2.63
N ALA A 37 6.45 6.90 -3.27
CA ALA A 37 5.94 6.76 -4.64
C ALA A 37 4.47 7.19 -4.82
N ALA A 38 3.60 6.79 -3.90
CA ALA A 38 2.16 7.10 -4.00
C ALA A 38 1.81 8.59 -3.84
N PRO A 39 2.29 9.25 -2.78
CA PRO A 39 2.08 10.70 -2.63
C PRO A 39 2.75 11.57 -3.70
N ASP A 40 3.93 11.18 -4.20
CA ASP A 40 4.59 11.92 -5.29
C ASP A 40 3.77 11.89 -6.59
N VAL A 41 3.27 10.71 -6.97
CA VAL A 41 2.37 10.58 -8.11
C VAL A 41 1.08 11.39 -7.88
N ALA A 42 0.46 11.20 -6.72
CA ALA A 42 -0.75 11.91 -6.35
C ALA A 42 -0.53 13.42 -6.37
N ARG A 43 0.60 13.85 -5.79
CA ARG A 43 0.99 15.25 -5.74
C ARG A 43 1.13 15.86 -7.13
N GLU A 44 1.88 15.18 -7.99
CA GLU A 44 2.07 15.62 -9.37
C GLU A 44 0.74 15.75 -10.13
N ILE A 45 -0.10 14.73 -10.06
CA ILE A 45 -1.40 14.75 -10.76
C ILE A 45 -2.35 15.85 -10.28
N PHE A 46 -2.52 15.98 -8.97
CA PHE A 46 -3.35 17.05 -8.41
C PHE A 46 -2.89 18.42 -8.88
N LYS A 47 -1.57 18.65 -8.78
CA LYS A 47 -0.92 19.84 -9.33
C LYS A 47 -1.38 20.14 -10.76
N ARG A 48 -1.33 19.12 -11.62
CA ARG A 48 -1.79 19.23 -13.01
C ARG A 48 -3.27 19.53 -13.12
N LEU A 49 -4.05 19.08 -12.14
CA LEU A 49 -5.49 19.34 -12.11
C LEU A 49 -5.85 20.71 -11.50
N GLY A 50 -4.84 21.48 -11.12
CA GLY A 50 -5.03 22.81 -10.55
C GLY A 50 -5.16 22.81 -9.03
N VAL A 51 -4.85 21.67 -8.41
CA VAL A 51 -4.88 21.52 -6.95
C VAL A 51 -3.45 21.67 -6.43
N ALA A 52 -3.20 22.80 -5.75
CA ALA A 52 -1.85 23.28 -5.45
C ALA A 52 -0.97 22.41 -4.56
N ASP A 53 -1.59 21.72 -3.59
CA ASP A 53 -0.84 20.85 -2.68
C ASP A 53 -1.70 19.71 -2.15
N VAL A 54 -1.06 18.77 -1.45
CA VAL A 54 -1.77 17.70 -0.78
C VAL A 54 -1.52 17.79 0.72
N VAL A 55 -2.58 17.56 1.49
CA VAL A 55 -2.48 17.49 2.94
C VAL A 55 -2.71 16.03 3.35
N ALA A 56 -1.70 15.44 3.99
CA ALA A 56 -1.70 14.00 4.25
C ALA A 56 -2.11 13.63 5.67
N SER A 57 -2.82 12.51 5.81
CA SER A 57 -3.13 11.94 7.13
C SER A 57 -2.53 10.55 7.24
N ILE A 58 -1.89 10.29 8.39
CA ILE A 58 -1.39 8.95 8.70
C ILE A 58 -2.45 8.19 9.47
N SER A 59 -2.74 6.98 9.01
CA SER A 59 -3.57 6.04 9.73
C SER A 59 -3.13 4.63 9.32
N GLU A 60 -3.68 3.64 10.01
CA GLU A 60 -3.44 2.26 9.62
C GLU A 60 -4.35 1.88 8.46
N TYR A 61 -3.96 0.85 7.73
CA TYR A 61 -4.59 0.51 6.45
C TYR A 61 -6.09 0.21 6.55
N GLY A 62 -6.52 -0.35 7.69
CA GLY A 62 -7.92 -0.72 7.89
C GLY A 62 -8.87 0.45 8.14
N ALA A 63 -8.33 1.62 8.47
CA ALA A 63 -9.14 2.82 8.72
C ALA A 63 -9.32 3.69 7.47
N MET A 64 -8.65 3.33 6.38
CA MET A 64 -8.56 4.20 5.20
C MET A 64 -9.86 4.28 4.41
N ILE A 65 -10.39 3.13 4.00
CA ILE A 65 -11.66 3.11 3.28
C ILE A 65 -12.82 3.69 4.13
N PRO A 66 -12.99 3.26 5.39
CA PRO A 66 -13.98 3.90 6.28
C PRO A 66 -13.85 5.43 6.37
N GLY A 67 -12.61 5.91 6.47
CA GLY A 67 -12.34 7.35 6.54
C GLY A 67 -12.74 8.07 5.26
N LEU A 68 -12.51 7.38 4.13
CA LEU A 68 -12.86 7.92 2.81
C LEU A 68 -14.38 8.02 2.64
N GLN A 69 -15.08 6.92 2.95
CA GLN A 69 -16.55 6.86 2.84
C GLN A 69 -17.25 7.83 3.80
N ALA A 70 -16.58 8.16 4.91
CA ALA A 70 -17.09 9.13 5.89
C ALA A 70 -16.79 10.57 5.46
N GLY A 71 -16.01 10.71 4.40
CA GLY A 71 -15.71 12.01 3.81
C GLY A 71 -14.63 12.79 4.52
N ARG A 72 -13.75 12.09 5.23
CA ARG A 72 -12.67 12.73 5.98
C ARG A 72 -11.48 13.10 5.09
N HIS A 73 -11.28 12.33 4.02
CA HIS A 73 -10.20 12.55 3.06
C HIS A 73 -10.73 12.46 1.64
N ASP A 74 -10.00 13.05 0.69
CA ASP A 74 -10.44 13.13 -0.70
C ASP A 74 -10.00 11.93 -1.55
N ALA A 75 -8.95 11.26 -1.11
CA ALA A 75 -8.40 10.09 -1.79
C ALA A 75 -7.48 9.30 -0.87
N ILE A 76 -7.35 7.99 -1.15
CA ILE A 76 -6.35 7.15 -0.51
C ILE A 76 -5.20 6.95 -1.49
N THR A 77 -4.01 7.38 -1.09
CA THR A 77 -2.81 7.26 -1.92
C THR A 77 -1.70 6.69 -1.05
N ALA A 78 -1.69 5.36 -0.89
CA ALA A 78 -0.91 4.75 0.19
C ALA A 78 -0.38 3.36 -0.14
N GLY A 79 -0.57 2.91 -1.37
CA GLY A 79 -0.28 1.54 -1.75
C GLY A 79 -1.41 0.60 -1.40
N LEU A 80 -2.63 1.14 -1.30
CA LEU A 80 -3.81 0.33 -0.97
C LEU A 80 -4.21 -0.55 -2.16
N PHE A 81 -3.74 -1.80 -2.11
CA PHE A 81 -3.86 -2.72 -3.24
C PHE A 81 -5.31 -3.00 -3.63
N MET A 82 -5.54 -3.10 -4.94
CA MET A 82 -6.87 -3.37 -5.49
C MET A 82 -7.29 -4.80 -5.23
N LYS A 83 -8.45 -4.95 -4.60
CA LYS A 83 -9.06 -6.24 -4.31
C LYS A 83 -10.54 -6.11 -4.62
N PRO A 84 -11.17 -7.17 -5.11
CA PRO A 84 -12.60 -7.15 -5.45
C PRO A 84 -13.43 -6.39 -4.40
N GLU A 85 -13.29 -6.79 -3.14
CA GLU A 85 -14.07 -6.25 -2.02
C GLU A 85 -13.76 -4.77 -1.73
N ARG A 86 -12.52 -4.37 -1.94
CA ARG A 86 -12.12 -2.96 -1.86
C ARG A 86 -12.67 -2.17 -3.05
N CYS A 87 -12.58 -2.77 -4.24
CA CYS A 87 -13.10 -2.18 -5.48
C CYS A 87 -14.59 -1.86 -5.43
N ALA A 88 -15.34 -2.69 -4.72
CA ALA A 88 -16.77 -2.50 -4.53
C ALA A 88 -17.10 -1.35 -3.57
N ALA A 89 -16.12 -0.92 -2.78
CA ALA A 89 -16.32 0.11 -1.75
C ALA A 89 -15.81 1.49 -2.17
N VAL A 90 -14.91 1.54 -3.15
CA VAL A 90 -14.30 2.79 -3.61
C VAL A 90 -14.23 2.88 -5.14
N ALA A 91 -13.92 4.08 -5.65
CA ALA A 91 -13.66 4.28 -7.07
C ALA A 91 -12.15 4.40 -7.29
N TYR A 92 -11.53 3.30 -7.72
CA TYR A 92 -10.10 3.26 -7.92
C TYR A 92 -9.69 3.93 -9.22
N SER A 93 -8.48 4.48 -9.25
CA SER A 93 -7.82 4.89 -10.47
C SER A 93 -7.30 3.63 -11.17
N GLN A 94 -6.68 3.80 -12.34
CA GLN A 94 -5.95 2.71 -12.98
C GLN A 94 -4.68 2.38 -12.14
N PRO A 95 -4.01 1.25 -12.40
CA PRO A 95 -2.89 0.81 -11.57
C PRO A 95 -1.71 1.78 -11.53
N ILE A 96 -1.04 1.81 -10.39
CA ILE A 96 0.06 2.73 -10.15
C ILE A 96 1.26 1.98 -9.58
N LEU A 97 1.11 1.45 -8.36
CA LEU A 97 2.21 0.81 -7.64
C LEU A 97 1.99 -0.69 -7.47
N CYS A 98 2.83 -1.48 -8.13
CA CYS A 98 2.74 -2.93 -8.09
C CYS A 98 3.83 -3.55 -7.23
N ASP A 99 3.50 -4.60 -6.49
CA ASP A 99 4.49 -5.32 -5.69
C ASP A 99 4.01 -6.72 -5.28
N ALA A 100 4.96 -7.59 -4.97
CA ALA A 100 4.66 -8.89 -4.38
C ALA A 100 4.73 -8.77 -2.87
N GLU A 101 4.53 -9.87 -2.16
CA GLU A 101 4.57 -9.91 -0.69
C GLU A 101 5.86 -10.55 -0.19
N ALA A 102 6.33 -10.10 0.97
CA ALA A 102 7.57 -10.59 1.55
C ALA A 102 7.46 -10.91 3.04
N PHE A 103 8.40 -11.74 3.50
CA PHE A 103 8.56 -12.08 4.91
C PHE A 103 9.86 -11.48 5.47
N ALA A 104 9.74 -10.87 6.65
CA ALA A 104 10.89 -10.57 7.50
C ALA A 104 10.95 -11.69 8.53
N LEU A 105 12.13 -12.27 8.68
CA LEU A 105 12.25 -13.59 9.29
C LEU A 105 13.57 -13.69 10.06
N LYS A 106 13.59 -14.56 11.07
CA LYS A 106 14.84 -14.85 11.77
C LYS A 106 15.83 -15.52 10.84
N LYS A 107 17.10 -15.17 10.99
CA LYS A 107 18.18 -15.68 10.16
C LYS A 107 18.24 -17.21 10.16
N GLY A 108 18.35 -17.80 8.98
CA GLY A 108 18.33 -19.24 8.80
C GLY A 108 16.92 -19.81 8.71
N ASN A 109 15.92 -18.97 8.97
CA ASN A 109 14.50 -19.38 8.93
C ASN A 109 14.24 -20.70 9.71
N PRO A 110 14.33 -20.63 11.04
CA PRO A 110 14.28 -21.85 11.88
C PRO A 110 12.97 -22.62 11.76
N LEU A 111 11.88 -21.94 11.45
CA LEU A 111 10.56 -22.57 11.34
C LEU A 111 10.19 -23.02 9.91
N GLY A 112 11.06 -22.73 8.95
CA GLY A 112 10.81 -23.10 7.55
C GLY A 112 9.57 -22.43 6.98
N LEU A 113 9.43 -21.13 7.26
CA LEU A 113 8.28 -20.35 6.83
C LEU A 113 8.52 -19.73 5.46
N LYS A 114 7.81 -20.22 4.45
CA LYS A 114 7.99 -19.82 3.06
C LYS A 114 6.68 -19.41 2.39
N SER A 115 5.57 -19.85 2.98
CA SER A 115 4.24 -19.48 2.52
C SER A 115 3.38 -19.11 3.72
N TYR A 116 2.23 -18.51 3.48
CA TYR A 116 1.28 -18.22 4.55
C TYR A 116 0.70 -19.51 5.14
N LYS A 117 0.64 -20.54 4.30
CA LYS A 117 0.19 -21.86 4.72
C LYS A 117 1.11 -22.49 5.78
N ASP A 118 2.42 -22.33 5.60
CA ASP A 118 3.42 -22.77 6.58
C ASP A 118 3.16 -22.19 7.98
N ILE A 119 2.77 -20.92 8.02
CA ILE A 119 2.40 -20.27 9.28
C ILE A 119 1.16 -20.96 9.87
N ALA A 120 0.15 -21.20 9.02
CA ALA A 120 -1.09 -21.85 9.45
C ALA A 120 -0.86 -23.25 10.02
N ASP A 121 0.05 -24.00 9.39
CA ASP A 121 0.34 -25.40 9.74
C ASP A 121 1.21 -25.57 10.99
N ASN A 122 1.75 -24.47 11.50
CA ASN A 122 2.54 -24.49 12.72
C ASN A 122 1.84 -23.68 13.81
N PRO A 123 1.32 -24.36 14.83
CA PRO A 123 0.55 -23.69 15.90
C PRO A 123 1.38 -22.76 16.80
N ASP A 124 2.70 -22.78 16.66
CA ASP A 124 3.56 -21.85 17.40
C ASP A 124 3.75 -20.55 16.67
N ALA A 125 3.61 -20.59 15.34
CA ALA A 125 3.96 -19.47 14.47
C ALA A 125 2.98 -18.31 14.52
N LYS A 126 3.49 -17.14 14.92
CA LYS A 126 2.71 -15.91 14.88
C LYS A 126 3.22 -15.02 13.76
N ILE A 127 2.29 -14.46 12.99
CA ILE A 127 2.64 -13.50 11.93
C ILE A 127 2.21 -12.07 12.26
N GLY A 128 3.16 -11.15 12.18
CA GLY A 128 2.90 -9.73 12.27
C GLY A 128 2.51 -9.15 10.92
N ALA A 129 1.51 -8.27 10.92
CA ALA A 129 0.93 -7.71 9.70
C ALA A 129 0.20 -6.41 10.04
N PRO A 130 0.11 -5.48 9.10
CA PRO A 130 -0.71 -4.27 9.29
C PRO A 130 -2.19 -4.61 9.43
N GLY A 131 -2.92 -3.87 10.26
CA GLY A 131 -4.36 -4.11 10.45
C GLY A 131 -5.17 -3.69 9.24
N GLY A 132 -6.01 -4.61 8.77
CA GLY A 132 -6.88 -4.37 7.60
C GLY A 132 -6.18 -4.53 6.26
N GLY A 133 -4.90 -4.89 6.28
CA GLY A 133 -4.11 -4.99 5.06
C GLY A 133 -4.16 -6.33 4.36
N THR A 134 -3.44 -6.45 3.25
CA THR A 134 -3.50 -7.65 2.40
C THR A 134 -2.89 -8.88 3.05
N GLU A 135 -1.76 -8.70 3.73
CA GLU A 135 -1.00 -9.80 4.36
C GLU A 135 -1.78 -10.46 5.48
N GLU A 136 -2.45 -9.65 6.30
CA GLU A 136 -3.31 -10.12 7.36
C GLU A 136 -4.41 -11.02 6.80
N LYS A 137 -5.09 -10.52 5.77
CA LYS A 137 -6.14 -11.26 5.10
C LYS A 137 -5.65 -12.58 4.47
N LEU A 138 -4.45 -12.54 3.86
CA LEU A 138 -3.86 -13.75 3.24
C LEU A 138 -3.49 -14.81 4.29
N ALA A 139 -3.05 -14.33 5.46
CA ALA A 139 -2.75 -15.24 6.57
C ALA A 139 -4.03 -15.92 7.04
N LEU A 140 -5.04 -15.11 7.35
CA LEU A 140 -6.37 -15.62 7.70
C LEU A 140 -6.93 -16.60 6.67
N GLU A 141 -6.83 -16.24 5.38
CA GLU A 141 -7.31 -17.08 4.28
C GLU A 141 -6.57 -18.41 4.14
N ALA A 142 -5.30 -18.42 4.52
CA ALA A 142 -4.48 -19.63 4.48
C ALA A 142 -4.78 -20.55 5.67
N GLY A 143 -5.49 -20.01 6.66
CA GLY A 143 -5.93 -20.78 7.81
C GLY A 143 -5.22 -20.45 9.11
N VAL A 144 -4.52 -19.31 9.15
CA VAL A 144 -3.94 -18.83 10.40
C VAL A 144 -5.08 -18.27 11.25
N PRO A 145 -5.24 -18.77 12.49
CA PRO A 145 -6.29 -18.29 13.38
C PRO A 145 -6.05 -16.85 13.77
N ARG A 146 -7.14 -16.12 14.01
CA ARG A 146 -7.09 -14.70 14.38
C ARG A 146 -6.02 -14.41 15.44
N ASP A 147 -5.97 -15.26 16.47
CA ASP A 147 -5.06 -15.03 17.60
C ASP A 147 -3.59 -15.35 17.29
N ARG A 148 -3.31 -15.76 16.05
CA ARG A 148 -1.92 -15.93 15.58
C ARG A 148 -1.56 -14.94 14.47
N VAL A 149 -2.53 -14.11 14.06
CA VAL A 149 -2.26 -12.97 13.19
C VAL A 149 -2.27 -11.69 14.03
N ILE A 150 -1.07 -11.14 14.24
CA ILE A 150 -0.86 -10.04 15.18
C ILE A 150 -0.79 -8.70 14.45
N VAL A 151 -1.66 -7.77 14.85
CA VAL A 151 -1.68 -6.42 14.28
C VAL A 151 -0.41 -5.65 14.68
N VAL A 152 0.30 -5.14 13.68
CA VAL A 152 1.52 -4.38 13.88
C VAL A 152 1.32 -2.98 13.26
N PRO A 153 1.49 -1.93 14.07
CA PRO A 153 1.20 -0.55 13.63
C PRO A 153 2.05 -0.03 12.47
N ASP A 154 3.35 -0.33 12.49
CA ASP A 154 4.27 0.10 11.43
C ASP A 154 5.54 -0.76 11.37
N GLY A 155 6.33 -0.57 10.31
CA GLY A 155 7.49 -1.42 10.03
C GLY A 155 8.52 -1.51 11.13
N GLN A 156 8.77 -0.38 11.79
CA GLN A 156 9.78 -0.31 12.86
C GLN A 156 9.35 -1.11 14.08
N SER A 157 8.04 -1.15 14.34
CA SER A 157 7.46 -1.95 15.43
C SER A 157 7.48 -3.45 15.10
N GLY A 158 7.21 -3.79 13.84
CA GLY A 158 7.24 -5.18 13.38
C GLY A 158 8.62 -5.80 13.51
N LEU A 159 9.63 -5.03 13.10
CA LEU A 159 11.03 -5.41 13.23
C LEU A 159 11.38 -5.67 14.70
N LYS A 160 11.01 -4.74 15.58
CA LYS A 160 11.26 -4.87 17.02
C LYS A 160 10.53 -6.06 17.66
N MET A 161 9.28 -6.28 17.25
CA MET A 161 8.48 -7.43 17.68
C MET A 161 9.10 -8.77 17.26
N LEU A 162 9.71 -8.77 16.07
CA LEU A 162 10.42 -9.92 15.55
C LEU A 162 11.67 -10.18 16.40
N GLN A 163 12.42 -9.11 16.69
CA GLN A 163 13.61 -9.17 17.53
C GLN A 163 13.31 -9.61 18.96
N ASP A 164 12.10 -9.30 19.44
CA ASP A 164 11.68 -9.64 20.80
C ASP A 164 11.05 -11.03 20.92
N GLY A 165 10.77 -11.65 19.77
CA GLY A 165 10.14 -12.96 19.75
C GLY A 165 8.64 -12.91 20.02
N ARG A 166 8.03 -11.75 19.80
CA ARG A 166 6.57 -11.62 19.88
C ARG A 166 5.94 -12.23 18.63
N ILE A 167 6.64 -12.07 17.50
CA ILE A 167 6.24 -12.67 16.23
C ILE A 167 7.38 -13.48 15.65
N ASP A 168 7.05 -14.44 14.80
CA ASP A 168 8.03 -15.28 14.13
C ASP A 168 8.30 -14.77 12.72
N VAL A 169 7.36 -13.98 12.21
CA VAL A 169 7.45 -13.40 10.88
C VAL A 169 6.68 -12.07 10.81
N TYR A 170 7.28 -11.09 10.14
CA TYR A 170 6.62 -9.83 9.84
C TYR A 170 6.47 -9.75 8.33
N SER A 171 5.28 -9.39 7.85
CA SER A 171 4.97 -9.45 6.42
C SER A 171 4.48 -8.12 5.84
N LEU A 172 5.21 -7.61 4.86
CA LEU A 172 4.81 -6.43 4.08
C LEU A 172 5.11 -6.73 2.61
N PRO A 173 4.83 -5.79 1.69
CA PRO A 173 5.32 -5.93 0.32
C PRO A 173 6.84 -5.95 0.25
N VAL A 174 7.38 -6.63 -0.76
CA VAL A 174 8.81 -6.83 -0.95
C VAL A 174 9.64 -5.55 -0.80
N LEU A 175 9.20 -4.48 -1.46
CA LEU A 175 9.93 -3.21 -1.42
C LEU A 175 9.97 -2.58 -0.04
N SER A 176 8.84 -2.67 0.67
CA SER A 176 8.72 -2.20 2.06
C SER A 176 9.64 -2.98 3.01
N ILE A 177 9.61 -4.31 2.91
CA ILE A 177 10.47 -5.17 3.73
C ILE A 177 11.94 -4.91 3.45
N ASN A 178 12.30 -4.86 2.17
CA ASN A 178 13.66 -4.60 1.73
C ASN A 178 14.20 -3.28 2.28
N ASP A 179 13.38 -2.23 2.20
CA ASP A 179 13.76 -0.93 2.70
C ASP A 179 13.96 -0.94 4.21
N LEU A 180 13.04 -1.59 4.90
CA LEU A 180 13.05 -1.72 6.36
C LEU A 180 14.28 -2.48 6.89
N VAL A 181 14.60 -3.60 6.25
CA VAL A 181 15.71 -4.45 6.69
C VAL A 181 17.08 -3.83 6.39
N SER A 182 17.20 -3.17 5.24
CA SER A 182 18.45 -2.49 4.88
C SER A 182 18.78 -1.30 5.78
N LYS A 183 17.76 -0.71 6.40
CA LYS A 183 17.93 0.37 7.38
C LYS A 183 18.07 -0.17 8.80
N ALA A 184 17.73 -1.44 8.98
CA ALA A 184 17.65 -2.05 10.31
C ALA A 184 19.01 -2.34 10.95
N ASN A 185 19.99 -2.66 10.10
CA ASN A 185 21.34 -3.00 10.54
C ASN A 185 21.34 -4.20 11.49
N ASP A 186 20.54 -5.22 11.15
CA ASP A 186 20.33 -6.39 12.00
C ASP A 186 20.69 -7.68 11.26
N PRO A 187 21.79 -8.32 11.69
CA PRO A 187 22.26 -9.58 11.08
C PRO A 187 21.39 -10.80 11.42
N ASN A 188 20.53 -10.64 12.42
CA ASN A 188 19.66 -11.72 12.88
C ASN A 188 18.33 -11.79 12.11
N VAL A 189 18.04 -10.74 11.35
CA VAL A 189 16.86 -10.67 10.49
C VAL A 189 17.23 -11.04 9.05
N GLU A 190 16.28 -11.66 8.35
CA GLU A 190 16.50 -12.18 7.01
C GLU A 190 15.22 -12.04 6.19
N VAL A 191 15.36 -11.73 4.91
CA VAL A 191 14.22 -11.53 4.02
C VAL A 191 13.91 -12.79 3.20
N LEU A 192 12.63 -13.10 3.09
CA LEU A 192 12.17 -14.12 2.16
C LEU A 192 11.15 -13.48 1.22
N ALA A 193 11.54 -13.36 -0.04
CA ALA A 193 10.73 -12.69 -1.07
C ALA A 193 10.91 -13.37 -2.42
N PRO A 194 9.82 -13.54 -3.17
CA PRO A 194 8.47 -13.24 -2.68
C PRO A 194 7.92 -14.39 -1.86
N VAL A 195 6.85 -14.14 -1.11
CA VAL A 195 6.15 -15.21 -0.39
C VAL A 195 5.56 -16.18 -1.41
N GLU A 196 5.80 -17.46 -1.19
CA GLU A 196 5.26 -18.50 -2.07
C GLU A 196 3.75 -18.62 -1.92
N GLY A 197 3.06 -18.70 -3.05
CA GLY A 197 1.60 -18.84 -3.07
C GLY A 197 0.82 -17.54 -2.89
N ALA A 198 1.52 -16.44 -2.63
CA ALA A 198 0.87 -15.14 -2.44
C ALA A 198 0.70 -14.41 -3.77
N PRO A 199 -0.44 -13.74 -3.95
CA PRO A 199 -0.69 -12.96 -5.17
C PRO A 199 0.24 -11.75 -5.30
N VAL A 200 0.38 -11.25 -6.51
CA VAL A 200 1.05 -9.96 -6.74
C VAL A 200 -0.06 -8.91 -6.90
N TYR A 201 0.13 -7.76 -6.24
CA TYR A 201 -0.88 -6.72 -6.19
C TYR A 201 -0.43 -5.43 -6.85
N CYS A 202 -1.41 -4.66 -7.35
CA CYS A 202 -1.20 -3.24 -7.67
C CYS A 202 -2.25 -2.39 -6.97
N ASP A 203 -1.86 -1.20 -6.58
CA ASP A 203 -2.78 -0.24 -6.00
C ASP A 203 -3.25 0.78 -7.04
N GLY A 204 -4.11 1.69 -6.60
CA GLY A 204 -4.40 2.91 -7.32
C GLY A 204 -4.71 3.98 -6.29
N ALA A 205 -4.95 5.20 -6.75
CA ALA A 205 -5.57 6.20 -5.89
C ALA A 205 -7.06 5.85 -5.77
N ALA A 206 -7.54 5.77 -4.53
CA ALA A 206 -8.92 5.37 -4.28
C ALA A 206 -9.78 6.60 -3.95
N PHE A 207 -10.94 6.70 -4.61
CA PHE A 207 -11.85 7.82 -4.38
C PHE A 207 -13.22 7.32 -3.91
N ARG A 208 -14.03 8.23 -3.37
CA ARG A 208 -15.43 7.90 -3.08
C ARG A 208 -16.17 7.60 -4.36
N LYS A 209 -17.11 6.65 -4.30
CA LYS A 209 -17.97 6.32 -5.43
C LYS A 209 -18.58 7.57 -6.06
N GLY A 210 -19.08 8.48 -5.23
CA GLY A 210 -19.68 9.73 -5.69
C GLY A 210 -18.68 10.74 -6.24
N ASP A 211 -17.39 10.42 -6.13
CA ASP A 211 -16.34 11.27 -6.68
C ASP A 211 -15.67 10.66 -7.92
N GLU A 212 -16.45 9.91 -8.70
CA GLU A 212 -15.96 9.23 -9.91
C GLU A 212 -15.45 10.20 -10.98
N ALA A 213 -16.06 11.39 -11.03
CA ALA A 213 -15.66 12.44 -11.96
C ALA A 213 -14.26 12.96 -11.62
N LEU A 214 -13.96 13.08 -10.32
CA LEU A 214 -12.60 13.38 -9.86
C LEU A 214 -11.64 12.25 -10.24
N ARG A 215 -12.04 11.01 -10.00
CA ARG A 215 -11.28 9.82 -10.38
C ARG A 215 -10.94 9.82 -11.89
N ASP A 216 -11.91 10.14 -12.73
CA ASP A 216 -11.70 10.25 -14.18
C ASP A 216 -10.61 11.26 -14.53
N ALA A 217 -10.66 12.42 -13.90
CA ALA A 217 -9.70 13.50 -14.15
C ALA A 217 -8.29 13.10 -13.74
N PHE A 218 -8.16 12.54 -12.54
CA PHE A 218 -6.93 11.95 -12.03
C PHE A 218 -6.37 10.93 -13.03
N ASP A 219 -7.26 10.10 -13.57
CA ASP A 219 -6.90 9.08 -14.55
C ASP A 219 -6.44 9.63 -15.90
N VAL A 220 -7.02 10.75 -16.32
CA VAL A 220 -6.60 11.38 -17.59
C VAL A 220 -5.13 11.77 -17.48
N GLU A 221 -4.74 12.32 -16.33
CA GLU A 221 -3.34 12.70 -16.08
C GLU A 221 -2.43 11.50 -15.88
N LEU A 222 -2.88 10.51 -15.10
CA LEU A 222 -2.12 9.26 -14.93
C LEU A 222 -1.74 8.67 -16.29
N ALA A 223 -2.72 8.60 -17.21
CA ALA A 223 -2.52 8.06 -18.55
C ALA A 223 -1.50 8.84 -19.36
N LYS A 224 -1.52 10.16 -19.23
CA LYS A 224 -0.54 11.02 -19.90
C LYS A 224 0.86 10.89 -19.29
N LEU A 225 0.92 10.68 -17.98
CA LEU A 225 2.17 10.43 -17.27
C LEU A 225 2.79 9.12 -17.75
N LYS A 226 1.94 8.09 -17.87
CA LYS A 226 2.35 6.79 -18.37
C LYS A 226 2.87 6.84 -19.80
N GLU A 227 2.15 7.57 -20.66
CA GLU A 227 2.46 7.67 -22.08
C GLU A 227 3.81 8.34 -22.35
N SER A 228 4.12 9.39 -21.59
CA SER A 228 5.35 10.15 -21.79
C SER A 228 6.60 9.47 -21.22
N GLY A 229 6.40 8.64 -20.19
CA GLY A 229 7.51 8.04 -19.48
C GLY A 229 7.74 8.74 -18.14
N GLU A 230 7.01 9.82 -17.90
CA GLU A 230 7.10 10.60 -16.66
C GLU A 230 6.68 9.78 -15.42
N PHE A 231 5.68 8.92 -15.62
CA PHE A 231 5.25 7.94 -14.61
C PHE A 231 6.42 7.10 -14.10
N ALA A 232 7.16 6.52 -15.04
CA ALA A 232 8.38 5.74 -14.75
C ALA A 232 9.45 6.56 -14.01
N LYS A 233 9.55 7.85 -14.35
CA LYS A 233 10.55 8.73 -13.73
C LYS A 233 10.23 9.01 -12.27
N ILE A 234 8.95 8.99 -11.92
CA ILE A 234 8.53 9.24 -10.55
C ILE A 234 8.65 7.99 -9.66
N ILE A 235 8.23 6.84 -10.18
CA ILE A 235 8.10 5.63 -9.33
C ILE A 235 9.30 4.69 -9.30
N GLU A 236 10.10 4.69 -10.36
CA GLU A 236 11.19 3.72 -10.49
C GLU A 236 12.43 3.97 -9.62
N PRO A 237 12.75 5.25 -9.30
CA PRO A 237 13.74 5.53 -8.24
C PRO A 237 13.37 4.91 -6.89
N TYR A 238 12.09 4.59 -6.69
CA TYR A 238 11.62 3.92 -5.49
C TYR A 238 11.69 2.38 -5.58
N GLY A 239 11.92 1.86 -6.78
CA GLY A 239 12.06 0.41 -6.99
C GLY A 239 10.88 -0.23 -7.68
N PHE A 240 9.84 0.55 -7.96
CA PHE A 240 8.64 0.07 -8.64
C PHE A 240 8.85 -0.11 -10.14
N SER A 241 8.04 -0.99 -10.73
CA SER A 241 8.07 -1.24 -12.16
C SER A 241 6.93 -0.52 -12.86
N ALA A 242 7.25 0.39 -13.78
CA ALA A 242 6.22 1.09 -14.55
C ALA A 242 5.50 0.12 -15.48
N LYS A 243 6.26 -0.76 -16.12
CA LYS A 243 5.72 -1.75 -17.04
C LYS A 243 4.67 -2.68 -16.43
N ALA A 244 4.90 -3.13 -15.20
CA ALA A 244 3.96 -3.97 -14.46
C ALA A 244 2.60 -3.28 -14.38
N ALA A 245 2.60 -2.04 -13.88
CA ALA A 245 1.39 -1.23 -13.77
C ALA A 245 0.71 -0.98 -15.12
N MET A 246 1.52 -0.71 -16.15
CA MET A 246 1.01 -0.49 -17.51
C MET A 246 0.56 -1.76 -18.22
N SER A 247 0.98 -2.92 -17.70
CA SER A 247 0.63 -4.22 -18.28
C SER A 247 -0.75 -4.76 -17.87
N THR A 248 -1.40 -4.11 -16.90
CA THR A 248 -2.71 -4.56 -16.43
C THR A 248 -3.70 -3.40 -16.27
N THR A 249 -4.91 -3.69 -15.80
CA THR A 249 -5.95 -2.67 -15.62
C THR A 249 -6.65 -2.78 -14.26
N ARG A 250 -7.39 -1.74 -13.90
CA ARG A 250 -8.24 -1.77 -12.71
C ARG A 250 -9.22 -2.94 -12.74
N GLU A 251 -9.91 -3.13 -13.87
CA GLU A 251 -10.93 -4.19 -13.97
C GLU A 251 -10.36 -5.60 -13.79
N LYS A 252 -9.17 -5.85 -14.33
CA LYS A 252 -8.49 -7.14 -14.15
C LYS A 252 -8.19 -7.42 -12.68
N LEU A 253 -7.70 -6.41 -11.98
CA LEU A 253 -7.32 -6.54 -10.57
C LEU A 253 -8.53 -6.59 -9.65
N CYS A 254 -9.62 -5.97 -10.09
CA CYS A 254 -10.88 -5.92 -9.35
C CYS A 254 -11.75 -7.14 -9.61
N ALA A 255 -11.36 -7.95 -10.59
CA ALA A 255 -12.12 -9.14 -10.98
C ALA A 255 -12.00 -10.24 -9.92
N ALA A 256 -13.10 -10.97 -9.72
CA ALA A 256 -13.13 -12.08 -8.78
C ALA A 256 -12.38 -13.30 -9.34
N LYS A 257 -11.07 -13.30 -9.19
CA LYS A 257 -10.23 -14.41 -9.64
C LYS A 257 -9.63 -15.18 -8.47
CD CD B . -15.06 -4.04 -18.91
CD CD C . 2.32 12.53 -26.15
CD CD D . -17.26 9.26 -15.48
CD CD E . -7.65 13.58 8.70
O 6CS F . -3.37 -3.68 2.42
C 6CS F . -2.60 -3.16 1.58
OXT 6CS F . -2.99 -2.58 0.54
CA 6CS F . -1.07 -3.27 1.82
N 6CS F . -0.35 -2.26 1.03
CAI 6CS F . 0.89 -1.75 1.46
CAA 6CS F . 1.62 -0.71 0.61
NAG 6CS F . 1.48 -2.17 2.66
CG2 6CS F . 0.83 -3.18 3.50
CB 6CS F . -0.69 -3.19 3.32
OG1 6CS F . -1.16 -4.34 4.01
#